data_3C58
#
_entry.id   3C58
#
_cell.length_a   91.356
_cell.length_b   91.356
_cell.length_c   140.943
_cell.angle_alpha   90.00
_cell.angle_beta   90.00
_cell.angle_gamma   90.00
#
_symmetry.space_group_name_H-M   'P 41 21 2'
#
loop_
_entity.id
_entity.type
_entity.pdbx_description
1 polymer "DNA (5'-D(*DGP*DCP*DGP*DAP*DGP*DAP*DAP*DAP*DCP*DAP*DAP*DAP*DGP*DA)-3')"
2 polymer "DNA (5'-D(*DCP*DTP*DCP*DTP*DTP*DTP*(SOS)P*DTP*DTP*DTP*DCP*DTP*DCP*DG)-3')"
3 polymer 'DNA glycosylase'
4 non-polymer 'ZINC ION'
5 non-polymer GLYCEROL
6 water water
#
loop_
_entity_poly.entity_id
_entity_poly.type
_entity_poly.pdbx_seq_one_letter_code
_entity_poly.pdbx_strand_id
1 'polydeoxyribonucleotide' (DG)(DC)(DG)(DA)(DG)(DA)(DA)(DA)(DC)(DA)(DA)(DA)(DG)(DA) C
2 'polydeoxyribonucleotide' (DC)(DT)(DC)(DT)(DT)(DT)(SOS)(DT)(DT)(DT)(DC)(DT)(DC)(DG) B
3 'polypeptide(L)'
;PELPEVETVRRELEKRIVGQKIISIEATYPRMVLTGFEQLKKELTGKTIQGISRRGKYLIFEIGDDFRLISHLRMEGKYR
LATLDAPREKHDHLTMKFADGQLIYADVRKFGTWELISTDQVLPYFLKKKIGPEPTYEDFDEKLFREKLRKSTKKIKPYL
LEQTLVAGLGNIYVDEVLWLAKIHPEKETNQLIESSIHLLHDSIIEILQKAIKLGGSSIRTYSALGSTGKMQNELQVYGK
TGEKCSRCGAEIQKIKVAGRGTHFCPVCQQK
;
A
#
loop_
_chem_comp.id
_chem_comp.type
_chem_comp.name
_chem_comp.formula
DA DNA linking 2'-DEOXYADENOSINE-5'-MONOPHOSPHATE 'C10 H14 N5 O6 P'
DC DNA linking 2'-DEOXYCYTIDINE-5'-MONOPHOSPHATE 'C9 H14 N3 O7 P'
DG DNA linking 2'-DEOXYGUANOSINE-5'-MONOPHOSPHATE 'C10 H14 N5 O7 P'
DT DNA linking THYMIDINE-5'-MONOPHOSPHATE 'C10 H15 N2 O8 P'
GOL non-polymer GLYCEROL 'C3 H8 O3'
SOS DNA linking '[(1R,2S,4R)-4-({2-AMINO-5-[BENZYL(FORMYL)AMINO]-6-OXO-1,6-DIHYDROPYRIMIDIN-4-YL}AMINO)-2-HYDROXYCYCLOPENTYL]METHYL DIHYDROGEN PHOSPHATE' 'C18 H24 N5 O7 P'
ZN non-polymer 'ZINC ION' 'Zn 2'
#
# COMPACT_ATOMS: atom_id res chain seq x y z
C15 SOS B 7 4.04 11.35 -0.87
C14 SOS B 7 5.35 11.24 -1.38
C13 SOS B 7 5.54 11.02 -2.74
C12 SOS B 7 4.44 10.86 -3.60
C11 SOS B 7 3.14 10.98 -3.09
C10 SOS B 7 2.96 11.23 -1.73
C9 SOS B 7 1.54 11.37 -1.17
N7 SOS B 7 0.99 10.06 -0.76
C8 SOS B 7 -0.17 9.69 -1.37
O8 SOS B 7 -0.77 8.63 -1.14
C5 SOS B 7 1.52 9.24 0.18
C6 SOS B 7 1.37 9.52 1.54
O6 SOS B 7 0.79 10.55 1.88
N1 SOS B 7 1.90 8.66 2.52
C2 SOS B 7 2.55 7.52 2.17
N2 SOS B 7 3.08 6.67 3.08
N3 SOS B 7 2.68 7.26 0.85
C4 SOS B 7 2.20 8.06 -0.15
N9 SOS B 7 2.39 7.70 -1.44
C1' SOS B 7 3.38 6.68 -1.83
C6' SOS B 7 4.83 7.01 -1.27
C2' SOS B 7 3.60 6.57 -3.37
C3' SOS B 7 4.79 5.75 -3.15
O3' SOS B 7 4.61 4.36 -2.95
C4' SOS B 7 5.83 6.49 -2.35
C5' SOS B 7 6.46 7.74 -3.01
O5' SOS B 7 7.26 7.34 -4.09
P SOS B 7 8.54 8.13 -4.61
OP2 SOS B 7 9.00 7.70 -5.91
OP1 SOS B 7 9.35 8.80 -3.58
N PRO C 1 -0.04 5.68 -1.96
CA PRO C 1 0.08 5.21 -0.56
C PRO C 1 0.88 3.89 -0.55
N GLU C 2 1.27 3.43 0.65
CA GLU C 2 1.91 2.14 0.82
C GLU C 2 0.99 1.32 1.72
N LEU C 3 1.44 0.12 2.12
CA LEU C 3 0.55 -0.77 2.87
C LEU C 3 -0.10 -0.14 4.14
N PRO C 4 0.69 0.55 5.01
CA PRO C 4 0.06 1.13 6.22
C PRO C 4 -1.08 2.12 5.93
N GLU C 5 -0.92 2.95 4.88
CA GLU C 5 -1.94 3.89 4.48
C GLU C 5 -3.18 3.18 3.92
N VAL C 6 -2.96 2.12 3.12
CA VAL C 6 -4.08 1.35 2.57
C VAL C 6 -4.82 0.63 3.71
N GLU C 7 -4.06 0.07 4.67
CA GLU C 7 -4.66 -0.51 5.89
C GLU C 7 -5.53 0.49 6.65
N THR C 8 -5.05 1.73 6.80
CA THR C 8 -5.77 2.79 7.50
C THR C 8 -7.09 3.11 6.81
N VAL C 9 -7.02 3.24 5.48
CA VAL C 9 -8.23 3.43 4.67
C VAL C 9 -9.19 2.26 4.84
N ARG C 10 -8.67 1.04 4.78
CA ARG C 10 -9.49 -0.16 4.95
C ARG C 10 -10.26 -0.16 6.29
N ARG C 11 -9.55 0.20 7.36
CA ARG C 11 -10.15 0.27 8.71
C ARG C 11 -11.25 1.29 8.80
N GLU C 12 -10.99 2.49 8.27
CA GLU C 12 -11.98 3.55 8.23
C GLU C 12 -13.20 3.11 7.41
N LEU C 13 -12.98 2.53 6.24
CA LEU C 13 -14.09 2.05 5.41
C LEU C 13 -14.91 0.95 6.11
N GLU C 14 -14.23 -0.01 6.74
CA GLU C 14 -14.89 -1.09 7.49
C GLU C 14 -15.86 -0.53 8.54
N LYS C 15 -15.41 0.50 9.26
CA LYS C 15 -16.23 1.17 10.28
C LYS C 15 -17.43 1.85 9.67
N ARG C 16 -17.27 2.39 8.47
CA ARG C 16 -18.29 3.29 7.99
C ARG C 16 -19.27 2.81 6.91
N ILE C 17 -18.82 1.97 5.99
CA ILE C 17 -19.67 1.64 4.84
C ILE C 17 -20.17 0.19 4.86
N VAL C 18 -19.66 -0.61 5.79
CA VAL C 18 -20.11 -2.01 5.88
C VAL C 18 -21.60 -2.01 6.24
N GLY C 19 -22.40 -2.77 5.49
CA GLY C 19 -23.84 -2.79 5.68
C GLY C 19 -24.58 -1.81 4.79
N GLN C 20 -23.86 -0.99 4.02
CA GLN C 20 -24.53 -0.03 3.13
C GLN C 20 -24.90 -0.64 1.77
N LYS C 21 -26.13 -0.38 1.34
CA LYS C 21 -26.57 -0.72 0.01
C LYS C 21 -26.09 0.33 -0.98
N ILE C 22 -25.49 -0.10 -2.08
CA ILE C 22 -25.06 0.81 -3.13
C ILE C 22 -26.28 1.17 -3.96
N ILE C 23 -26.65 2.46 -3.96
CA ILE C 23 -27.79 2.97 -4.72
C ILE C 23 -27.46 3.18 -6.18
N SER C 24 -26.31 3.75 -6.47
CA SER C 24 -25.89 3.93 -7.85
C SER C 24 -24.36 4.09 -7.87
N ILE C 25 -23.78 3.96 -9.07
CA ILE C 25 -22.34 4.12 -9.26
C ILE C 25 -22.19 4.96 -10.50
N GLU C 26 -21.35 6.00 -10.41
CA GLU C 26 -21.16 6.92 -11.54
C GLU C 26 -19.65 7.05 -11.81
N ALA C 27 -19.27 7.37 -13.04
CA ALA C 27 -17.87 7.53 -13.40
C ALA C 27 -17.71 8.72 -14.32
N THR C 28 -16.69 9.53 -14.05
CA THR C 28 -16.24 10.45 -15.08
C THR C 28 -15.02 9.90 -15.75
N TYR C 29 -14.37 8.89 -15.14
CA TYR C 29 -13.22 8.27 -15.77
C TYR C 29 -13.41 6.74 -15.76
N PRO C 30 -14.37 6.24 -16.56
CA PRO C 30 -14.70 4.83 -16.55
C PRO C 30 -13.56 3.90 -16.97
N ARG C 31 -12.58 4.42 -17.71
CA ARG C 31 -11.41 3.64 -18.15
C ARG C 31 -10.52 3.07 -17.04
N MET C 32 -10.60 3.62 -15.82
CA MET C 32 -9.87 3.01 -14.71
C MET C 32 -10.51 1.71 -14.16
N VAL C 33 -11.74 1.41 -14.61
CA VAL C 33 -12.32 0.13 -14.26
C VAL C 33 -11.85 -0.92 -15.30
N LEU C 34 -10.85 -1.69 -14.92
CA LEU C 34 -10.15 -2.56 -15.88
C LEU C 34 -11.01 -3.73 -16.43
N THR C 35 -12.04 -4.11 -15.66
CA THR C 35 -12.95 -5.16 -15.99
C THR C 35 -14.20 -4.62 -16.72
N GLY C 36 -14.25 -3.31 -16.93
CA GLY C 36 -15.36 -2.66 -17.64
C GLY C 36 -16.34 -1.94 -16.72
N PHE C 37 -16.45 -0.63 -16.92
CA PHE C 37 -17.28 0.18 -16.02
C PHE C 37 -18.80 -0.17 -16.06
N GLU C 38 -19.37 -0.18 -17.26
CA GLU C 38 -20.81 -0.52 -17.40
C GLU C 38 -21.13 -1.88 -16.81
N GLN C 39 -20.23 -2.84 -16.95
CA GLN C 39 -20.41 -4.17 -16.34
C GLN C 39 -20.41 -4.11 -14.80
N LEU C 40 -19.45 -3.38 -14.24
CA LEU C 40 -19.38 -3.19 -12.80
C LEU C 40 -20.64 -2.51 -12.28
N LYS C 41 -21.11 -1.47 -12.99
CA LYS C 41 -22.31 -0.74 -12.57
C LYS C 41 -23.54 -1.66 -12.55
N LYS C 42 -23.67 -2.48 -13.60
CA LYS C 42 -24.81 -3.41 -13.68
C LYS C 42 -24.72 -4.45 -12.57
N GLU C 43 -23.54 -5.01 -12.31
CA GLU C 43 -23.42 -6.02 -11.25
C GLU C 43 -23.58 -5.54 -9.84
N LEU C 44 -23.08 -4.33 -9.53
CA LEU C 44 -22.99 -3.91 -8.13
C LEU C 44 -24.11 -3.00 -7.65
N THR C 45 -24.79 -2.32 -8.58
CA THR C 45 -25.91 -1.45 -8.16
C THR C 45 -26.95 -2.30 -7.41
N GLY C 46 -27.35 -1.85 -6.23
CA GLY C 46 -28.34 -2.53 -5.38
C GLY C 46 -27.74 -3.52 -4.41
N LYS C 47 -26.43 -3.81 -4.54
CA LYS C 47 -25.76 -4.74 -3.62
C LYS C 47 -25.28 -4.05 -2.37
N THR C 48 -25.08 -4.84 -1.32
CA THR C 48 -24.70 -4.34 -0.02
C THR C 48 -23.22 -4.67 0.25
N ILE C 49 -22.50 -3.70 0.78
CA ILE C 49 -21.10 -3.95 1.20
C ILE C 49 -21.05 -4.80 2.47
N GLN C 50 -20.38 -5.95 2.36
CA GLN C 50 -20.30 -6.87 3.48
C GLN C 50 -19.02 -6.77 4.29
N GLY C 51 -17.99 -6.17 3.69
CA GLY C 51 -16.69 -6.19 4.35
C GLY C 51 -15.63 -5.51 3.49
N ILE C 52 -14.49 -5.19 4.10
CA ILE C 52 -13.38 -4.60 3.36
C ILE C 52 -12.12 -5.29 3.82
N SER C 53 -11.39 -5.87 2.86
CA SER C 53 -10.15 -6.56 3.18
C SER C 53 -9.00 -5.86 2.48
N ARG C 54 -7.80 -6.40 2.67
CA ARG C 54 -6.58 -5.85 2.03
C ARG C 54 -5.62 -6.99 1.80
N ARG C 55 -4.92 -6.94 0.67
CA ARG C 55 -3.81 -7.84 0.45
C ARG C 55 -2.65 -6.99 -0.10
N GLY C 56 -1.50 -6.99 0.58
CA GLY C 56 -0.47 -6.02 0.18
C GLY C 56 -1.02 -4.58 0.12
N LYS C 57 -0.74 -3.90 -0.99
CA LYS C 57 -1.25 -2.53 -1.18
C LYS C 57 -2.66 -2.47 -1.82
N TYR C 58 -3.28 -3.64 -2.01
CA TYR C 58 -4.58 -3.73 -2.68
C TYR C 58 -5.71 -3.70 -1.67
N LEU C 59 -6.68 -2.81 -1.91
CA LEU C 59 -7.94 -2.80 -1.17
C LEU C 59 -8.95 -3.74 -1.83
N ILE C 60 -9.70 -4.46 -1.00
CA ILE C 60 -10.67 -5.44 -1.50
C ILE C 60 -12.03 -5.12 -0.88
N PHE C 61 -12.98 -4.66 -1.69
CA PHE C 61 -14.36 -4.51 -1.21
C PHE C 61 -15.07 -5.84 -1.40
N GLU C 62 -15.72 -6.28 -0.32
CA GLU C 62 -16.54 -7.50 -0.39
C GLU C 62 -17.98 -7.08 -0.53
N ILE C 63 -18.55 -7.35 -1.71
CA ILE C 63 -19.85 -6.73 -2.04
C ILE C 63 -20.83 -7.82 -2.48
N GLY C 64 -21.99 -7.86 -1.85
CA GLY C 64 -22.90 -8.97 -2.07
C GLY C 64 -22.26 -10.27 -1.62
N ASP C 65 -22.73 -11.45 -1.97
N ASP C 65 -22.95 -11.29 -2.11
CA ASP C 65 -21.98 -12.65 -1.46
CA ASP C 65 -22.65 -12.67 -1.92
C ASP C 65 -20.82 -13.13 -2.34
C ASP C 65 -21.23 -12.99 -2.33
N ASP C 66 -20.87 -12.71 -3.59
CA ASP C 66 -20.02 -13.26 -4.66
CA ASP C 66 -19.78 -13.50 -4.13
C ASP C 66 -19.05 -12.26 -5.34
N PHE C 67 -19.08 -10.98 -4.96
CA PHE C 67 -18.26 -10.01 -5.69
C PHE C 67 -17.14 -9.47 -4.84
N ARG C 68 -16.00 -9.24 -5.49
CA ARG C 68 -14.86 -8.61 -4.85
C ARG C 68 -14.39 -7.51 -5.79
N LEU C 69 -14.38 -6.29 -5.28
CA LEU C 69 -13.87 -5.16 -6.05
C LEU C 69 -12.44 -4.89 -5.55
N ILE C 70 -11.48 -5.14 -6.42
CA ILE C 70 -10.06 -4.98 -6.07
C ILE C 70 -9.65 -3.61 -6.54
N SER C 71 -9.22 -2.78 -5.59
CA SER C 71 -8.86 -1.40 -5.85
C SER C 71 -7.37 -1.19 -5.53
N HIS C 72 -6.61 -0.62 -6.47
CA HIS C 72 -5.22 -0.26 -6.15
C HIS C 72 -5.15 1.26 -6.27
N LEU C 73 -4.57 1.94 -5.27
CA LEU C 73 -4.54 3.38 -5.26
C LEU C 73 -3.26 3.95 -5.90
N ARG C 74 -2.34 3.06 -6.24
CA ARG C 74 -1.06 3.40 -6.88
C ARG C 74 -0.32 4.55 -6.11
N MET C 75 0.04 5.63 -6.81
CA MET C 75 0.85 6.71 -6.21
C MET C 75 0.08 7.64 -5.27
N GLU C 76 -1.10 8.06 -5.70
CA GLU C 76 -1.83 9.11 -4.96
C GLU C 76 -3.35 9.01 -5.01
N GLY C 77 -3.87 7.81 -5.29
CA GLY C 77 -5.31 7.60 -5.20
C GLY C 77 -5.80 7.94 -3.77
N LYS C 78 -7.00 8.53 -3.71
CA LYS C 78 -7.60 9.01 -2.45
C LYS C 78 -9.09 8.72 -2.46
N TYR C 79 -9.56 8.17 -1.33
CA TYR C 79 -10.99 8.00 -1.13
C TYR C 79 -11.50 9.03 -0.12
N ARG C 80 -12.71 9.51 -0.36
CA ARG C 80 -13.38 10.29 0.69
C ARG C 80 -14.84 9.95 0.79
N LEU C 81 -15.38 10.10 2.00
CA LEU C 81 -16.80 9.96 2.20
C LEU C 81 -17.43 11.35 2.23
N ALA C 82 -18.36 11.59 1.31
CA ALA C 82 -18.94 12.91 1.12
C ALA C 82 -20.46 12.88 1.18
N THR C 83 -21.07 14.04 1.41
CA THR C 83 -22.52 14.13 1.32
C THR C 83 -22.93 13.97 -0.16
N LEU C 84 -24.18 13.60 -0.38
CA LEU C 84 -24.71 13.38 -1.72
C LEU C 84 -24.70 14.63 -2.58
N ASP C 85 -24.70 15.80 -1.94
CA ASP C 85 -24.68 17.06 -2.68
C ASP C 85 -23.27 17.66 -2.81
N ALA C 86 -22.24 16.91 -2.43
CA ALA C 86 -20.87 17.42 -2.50
C ALA C 86 -20.51 17.79 -3.94
N PRO C 87 -19.83 18.94 -4.12
CA PRO C 87 -19.41 19.39 -5.45
C PRO C 87 -18.30 18.50 -5.99
N ARG C 88 -18.30 18.30 -7.30
CA ARG C 88 -17.21 17.56 -7.99
C ARG C 88 -15.90 18.30 -7.79
N GLU C 89 -14.81 17.56 -7.56
CA GLU C 89 -13.45 18.11 -7.58
C GLU C 89 -12.75 17.59 -8.84
N LYS C 90 -11.80 18.36 -9.36
CA LYS C 90 -11.15 18.09 -10.63
C LYS C 90 -10.73 16.62 -10.89
N HIS C 91 -10.08 16.01 -9.93
CA HIS C 91 -9.53 14.65 -10.15
C HIS C 91 -10.38 13.50 -9.57
N ASP C 92 -11.67 13.79 -9.28
CA ASP C 92 -12.64 12.75 -8.90
C ASP C 92 -12.93 11.91 -10.14
N HIS C 93 -12.89 10.59 -10.01
CA HIS C 93 -13.15 9.71 -11.16
C HIS C 93 -14.39 8.81 -11.03
N LEU C 94 -14.69 8.36 -9.83
CA LEU C 94 -15.72 7.35 -9.59
C LEU C 94 -16.39 7.69 -8.28
N THR C 95 -17.68 7.36 -8.20
CA THR C 95 -18.39 7.42 -6.94
C THR C 95 -19.35 6.26 -6.76
N MET C 96 -19.38 5.73 -5.54
CA MET C 96 -20.39 4.80 -5.09
C MET C 96 -21.34 5.58 -4.22
N LYS C 97 -22.60 5.68 -4.64
CA LYS C 97 -23.59 6.46 -3.89
C LYS C 97 -24.43 5.56 -3.03
N PHE C 98 -24.54 5.93 -1.77
CA PHE C 98 -25.36 5.27 -0.79
C PHE C 98 -26.56 6.16 -0.51
N ALA C 99 -27.42 5.71 0.39
CA ALA C 99 -28.65 6.47 0.74
C ALA C 99 -28.34 7.81 1.40
N ASP C 100 -27.25 7.85 2.17
CA ASP C 100 -26.93 9.02 3.00
C ASP C 100 -25.54 9.61 2.79
N GLY C 101 -24.91 9.30 1.65
CA GLY C 101 -23.57 9.79 1.40
C GLY C 101 -22.98 9.03 0.24
N GLN C 102 -21.74 9.34 -0.11
CA GLN C 102 -21.10 8.72 -1.26
C GLN C 102 -19.63 8.53 -1.01
N LEU C 103 -19.08 7.46 -1.58
CA LEU C 103 -17.64 7.19 -1.54
C LEU C 103 -17.06 7.58 -2.87
N ILE C 104 -16.17 8.58 -2.83
CA ILE C 104 -15.61 9.12 -4.06
C ILE C 104 -14.15 8.72 -4.14
N TYR C 105 -13.75 8.22 -5.30
CA TYR C 105 -12.34 7.96 -5.63
C TYR C 105 -11.76 9.02 -6.53
N ALA C 106 -10.64 9.60 -6.09
CA ALA C 106 -9.91 10.64 -6.85
C ALA C 106 -8.47 10.19 -7.07
N ASP C 107 -7.85 10.60 -8.17
CA ASP C 107 -6.48 10.18 -8.45
C ASP C 107 -5.93 11.13 -9.51
N VAL C 108 -5.11 12.10 -9.08
CA VAL C 108 -4.53 13.10 -10.01
C VAL C 108 -3.86 12.42 -11.20
N ARG C 109 -3.08 11.35 -10.98
CA ARG C 109 -2.28 10.80 -12.07
C ARG C 109 -3.02 9.69 -12.87
N LYS C 110 -4.22 9.36 -12.42
CA LYS C 110 -5.07 8.37 -13.09
C LYS C 110 -4.38 7.00 -13.13
N PHE C 111 -3.59 6.68 -12.12
CA PHE C 111 -2.88 5.41 -12.16
C PHE C 111 -3.70 4.31 -11.51
N GLY C 112 -4.50 4.68 -10.51
CA GLY C 112 -5.28 3.71 -9.73
C GLY C 112 -6.24 2.90 -10.58
N THR C 113 -6.59 1.70 -10.09
CA THR C 113 -7.38 0.72 -10.86
C THR C 113 -8.47 0.06 -10.02
N TRP C 114 -9.59 -0.30 -10.69
CA TRP C 114 -10.63 -1.12 -10.09
C TRP C 114 -10.83 -2.34 -10.99
N GLU C 115 -10.97 -3.51 -10.37
CA GLU C 115 -11.26 -4.75 -11.10
C GLU C 115 -12.30 -5.51 -10.30
N LEU C 116 -13.37 -5.90 -10.98
CA LEU C 116 -14.42 -6.64 -10.34
C LEU C 116 -14.20 -8.12 -10.63
N ILE C 117 -14.00 -8.91 -9.58
CA ILE C 117 -13.82 -10.35 -9.77
C ILE C 117 -14.70 -11.14 -8.78
N SER C 118 -14.83 -12.45 -8.94
CA SER C 118 -15.65 -13.22 -8.01
C SER C 118 -14.84 -13.67 -6.80
N THR C 119 -15.55 -13.98 -5.72
CA THR C 119 -14.92 -14.45 -4.48
C THR C 119 -13.90 -15.55 -4.73
N ASP C 120 -14.26 -16.58 -5.48
CA ASP C 120 -13.30 -17.68 -5.70
C ASP C 120 -12.13 -17.35 -6.63
N GLN C 121 -12.12 -16.15 -7.20
CA GLN C 121 -11.05 -15.72 -8.10
C GLN C 121 -9.97 -14.87 -7.40
N VAL C 122 -10.24 -14.46 -6.14
CA VAL C 122 -9.34 -13.56 -5.39
C VAL C 122 -8.00 -14.22 -5.09
N LEU C 123 -8.02 -15.43 -4.52
CA LEU C 123 -6.75 -16.12 -4.32
C LEU C 123 -5.94 -16.34 -5.63
N PRO C 124 -6.56 -16.86 -6.70
CA PRO C 124 -5.83 -16.99 -7.99
C PRO C 124 -5.32 -15.61 -8.50
N TYR C 125 -6.13 -14.57 -8.34
CA TYR C 125 -5.69 -13.21 -8.75
C TYR C 125 -4.35 -12.82 -8.08
N PHE C 126 -4.24 -13.04 -6.78
CA PHE C 126 -2.99 -12.64 -6.10
C PHE C 126 -1.82 -13.57 -6.34
N LEU C 127 -2.11 -14.86 -6.54
CA LEU C 127 -1.07 -15.80 -7.00
C LEU C 127 -0.48 -15.39 -8.35
N LYS C 128 -1.35 -15.00 -9.29
CA LYS C 128 -0.91 -14.52 -10.60
C LYS C 128 -0.01 -13.25 -10.50
N LYS C 129 -0.36 -12.36 -9.56
CA LYS C 129 0.43 -11.17 -9.28
C LYS C 129 1.77 -11.49 -8.59
N LYS C 130 1.91 -12.72 -8.08
CA LYS C 130 3.12 -13.16 -7.37
C LYS C 130 3.45 -12.35 -6.10
N ILE C 131 2.42 -11.78 -5.48
CA ILE C 131 2.55 -11.03 -4.23
C ILE C 131 3.12 -11.96 -3.15
N GLY C 132 4.11 -11.49 -2.39
CA GLY C 132 4.66 -12.27 -1.29
C GLY C 132 3.83 -12.13 -0.02
N PRO C 133 4.37 -12.65 1.09
CA PRO C 133 3.61 -12.71 2.36
C PRO C 133 3.28 -11.36 2.94
N GLU C 134 2.18 -11.29 3.70
CA GLU C 134 1.92 -10.11 4.54
C GLU C 134 3.09 -9.89 5.53
N PRO C 135 3.38 -8.62 5.89
CA PRO C 135 4.48 -8.24 6.81
C PRO C 135 4.10 -8.46 8.29
N THR C 136 3.91 -9.71 8.66
CA THR C 136 3.60 -10.07 10.04
C THR C 136 4.47 -11.24 10.48
N TYR C 137 4.66 -11.38 11.80
CA TYR C 137 5.47 -12.53 12.27
C TYR C 137 4.86 -13.86 11.80
N GLU C 138 3.52 -13.93 11.82
CA GLU C 138 2.81 -15.14 11.40
C GLU C 138 3.00 -15.52 9.92
N ASP C 139 2.92 -14.54 8.99
CA ASP C 139 2.91 -14.82 7.53
C ASP C 139 4.29 -14.72 6.91
N PHE C 140 5.18 -13.89 7.47
CA PHE C 140 6.45 -13.59 6.80
C PHE C 140 7.53 -14.51 7.36
N ASP C 141 7.78 -15.63 6.69
CA ASP C 141 8.73 -16.63 7.14
C ASP C 141 10.17 -16.19 6.83
N GLU C 142 10.96 -15.96 7.86
CA GLU C 142 12.36 -15.62 7.71
C GLU C 142 13.19 -16.64 6.93
N LYS C 143 12.88 -17.93 7.08
CA LYS C 143 13.70 -18.96 6.41
C LYS C 143 13.60 -18.89 4.91
N LEU C 144 12.38 -18.83 4.37
CA LEU C 144 12.20 -18.62 2.95
C LEU C 144 12.84 -17.29 2.48
N PHE C 145 12.58 -16.23 3.23
CA PHE C 145 13.14 -14.89 2.93
C PHE C 145 14.66 -15.02 2.74
N ARG C 146 15.31 -15.63 3.73
CA ARG C 146 16.77 -15.82 3.69
C ARG C 146 17.24 -16.58 2.47
N GLU C 147 16.52 -17.66 2.13
CA GLU C 147 16.94 -18.47 1.01
C GLU C 147 16.78 -17.73 -0.32
N LYS C 148 15.71 -16.96 -0.46
CA LYS C 148 15.53 -16.12 -1.65
C LYS C 148 16.64 -15.06 -1.79
N LEU C 149 17.00 -14.42 -0.68
CA LEU C 149 18.09 -13.46 -0.71
C LEU C 149 19.44 -14.10 -1.07
N ARG C 150 19.69 -15.30 -0.53
CA ARG C 150 20.94 -16.04 -0.79
C ARG C 150 21.15 -16.35 -2.27
N LYS C 151 20.07 -16.64 -2.96
CA LYS C 151 20.09 -17.04 -4.36
C LYS C 151 20.17 -15.85 -5.36
N SER C 152 20.05 -14.61 -4.89
CA SER C 152 19.91 -13.52 -5.82
C SER C 152 21.12 -12.59 -5.83
N THR C 153 21.40 -11.98 -6.99
CA THR C 153 22.39 -10.91 -7.03
C THR C 153 21.74 -9.54 -7.18
N LYS C 154 20.40 -9.49 -7.09
CA LYS C 154 19.65 -8.23 -7.11
C LYS C 154 20.09 -7.34 -5.95
N LYS C 155 19.97 -6.04 -6.14
CA LYS C 155 20.18 -5.08 -5.07
C LYS C 155 18.95 -5.16 -4.13
N ILE C 156 19.20 -4.98 -2.84
CA ILE C 156 18.18 -5.26 -1.81
C ILE C 156 17.01 -4.29 -1.95
N LYS C 157 17.26 -2.99 -2.20
CA LYS C 157 16.11 -2.07 -2.32
C LYS C 157 15.12 -2.44 -3.47
N PRO C 158 15.61 -2.53 -4.73
CA PRO C 158 14.68 -2.91 -5.80
C PRO C 158 14.04 -4.29 -5.56
N TYR C 159 14.78 -5.24 -4.98
CA TYR C 159 14.21 -6.58 -4.76
C TYR C 159 13.04 -6.44 -3.77
N LEU C 160 13.24 -5.67 -2.67
CA LEU C 160 12.16 -5.46 -1.69
C LEU C 160 10.94 -4.76 -2.32
N LEU C 161 11.18 -3.82 -3.22
CA LEU C 161 10.10 -3.06 -3.87
C LEU C 161 9.24 -3.93 -4.81
N GLU C 162 9.78 -5.09 -5.21
CA GLU C 162 9.07 -6.01 -6.13
C GLU C 162 7.76 -6.58 -5.58
N GLN C 163 7.59 -6.60 -4.24
CA GLN C 163 6.40 -7.14 -3.51
C GLN C 163 6.45 -8.68 -3.41
N THR C 164 7.51 -9.31 -3.90
CA THR C 164 7.59 -10.77 -4.04
C THR C 164 8.21 -11.41 -2.79
N LEU C 165 9.15 -10.70 -2.14
CA LEU C 165 9.78 -11.22 -0.89
C LEU C 165 8.84 -11.05 0.31
N VAL C 166 8.06 -9.97 0.27
CA VAL C 166 7.15 -9.53 1.32
C VAL C 166 6.34 -8.41 0.68
N ALA C 167 5.05 -8.32 1.02
CA ALA C 167 4.16 -7.32 0.39
C ALA C 167 4.08 -6.07 1.23
N GLY C 168 4.08 -4.91 0.57
CA GLY C 168 3.64 -3.69 1.22
C GLY C 168 4.62 -2.53 1.27
N LEU C 169 5.92 -2.80 1.08
CA LEU C 169 6.90 -1.71 1.11
C LEU C 169 6.82 -0.92 -0.20
N GLY C 170 6.79 0.41 -0.08
CA GLY C 170 7.03 1.32 -1.21
C GLY C 170 8.28 2.13 -0.93
N ASN C 171 8.47 3.20 -1.69
CA ASN C 171 9.72 3.96 -1.59
C ASN C 171 9.97 4.50 -0.19
N ILE C 172 8.91 4.95 0.50
CA ILE C 172 9.10 5.50 1.85
C ILE C 172 9.50 4.44 2.85
N TYR C 173 8.72 3.36 2.98
CA TYR C 173 9.02 2.40 4.03
C TYR C 173 10.23 1.54 3.68
N VAL C 174 10.54 1.35 2.40
CA VAL C 174 11.75 0.57 2.08
C VAL C 174 13.00 1.35 2.58
N ASP C 175 13.02 2.67 2.34
CA ASP C 175 14.16 3.52 2.80
C ASP C 175 14.23 3.46 4.31
N GLU C 176 13.07 3.61 4.98
CA GLU C 176 13.02 3.59 6.45
C GLU C 176 13.51 2.25 7.02
N VAL C 177 13.10 1.15 6.38
CA VAL C 177 13.43 -0.18 6.84
C VAL C 177 14.94 -0.43 6.70
N LEU C 178 15.49 -0.04 5.56
CA LEU C 178 16.93 -0.28 5.30
C LEU C 178 17.81 0.56 6.25
N TRP C 179 17.36 1.77 6.58
CA TRP C 179 18.07 2.57 7.57
C TRP C 179 18.00 1.88 8.93
N LEU C 180 16.82 1.39 9.30
CA LEU C 180 16.63 0.76 10.60
C LEU C 180 17.50 -0.49 10.71
N ALA C 181 17.49 -1.29 9.66
CA ALA C 181 18.28 -2.51 9.59
C ALA C 181 19.79 -2.29 9.26
N LYS C 182 20.21 -1.04 9.05
CA LYS C 182 21.62 -0.71 8.76
C LYS C 182 22.22 -1.37 7.50
N ILE C 183 21.42 -1.37 6.46
CA ILE C 183 21.77 -2.01 5.22
C ILE C 183 21.72 -0.98 4.09
N HIS C 184 22.76 -0.97 3.27
CA HIS C 184 22.82 -0.05 2.11
C HIS C 184 21.86 -0.54 1.00
N PRO C 185 21.09 0.40 0.42
CA PRO C 185 20.06 -0.02 -0.59
C PRO C 185 20.63 -0.71 -1.85
N GLU C 186 21.93 -0.56 -2.11
CA GLU C 186 22.56 -1.20 -3.27
C GLU C 186 23.25 -2.51 -2.92
N LYS C 187 23.15 -2.92 -1.66
CA LYS C 187 23.73 -4.21 -1.23
C LYS C 187 23.15 -5.42 -2.03
N GLU C 188 24.01 -6.20 -2.66
CA GLU C 188 23.53 -7.38 -3.40
C GLU C 188 23.05 -8.39 -2.36
N THR C 189 21.86 -8.95 -2.57
CA THR C 189 21.23 -9.70 -1.48
C THR C 189 22.03 -10.94 -1.09
N ASN C 190 22.79 -11.53 -2.03
CA ASN C 190 23.56 -12.73 -1.70
C ASN C 190 24.79 -12.42 -0.82
N GLN C 191 25.04 -11.13 -0.56
CA GLN C 191 26.13 -10.68 0.31
C GLN C 191 25.67 -10.50 1.77
N LEU C 192 24.36 -10.51 2.01
CA LEU C 192 23.81 -10.27 3.36
C LEU C 192 24.06 -11.47 4.27
N ILE C 193 24.57 -11.22 5.47
CA ILE C 193 24.77 -12.33 6.40
C ILE C 193 23.50 -12.63 7.19
N GLU C 194 23.45 -13.82 7.78
CA GLU C 194 22.25 -14.28 8.46
C GLU C 194 21.71 -13.28 9.48
N SER C 195 22.59 -12.67 10.27
CA SER C 195 22.13 -11.72 11.30
C SER C 195 21.56 -10.44 10.73
N SER C 196 22.09 -9.97 9.60
CA SER C 196 21.54 -8.80 8.90
C SER C 196 20.16 -9.16 8.32
N ILE C 197 20.05 -10.38 7.79
CA ILE C 197 18.75 -10.82 7.22
C ILE C 197 17.71 -10.90 8.34
N HIS C 198 18.13 -11.41 9.49
CA HIS C 198 17.25 -11.40 10.66
C HIS C 198 16.75 -10.02 11.07
N LEU C 199 17.68 -9.06 11.18
CA LEU C 199 17.33 -7.72 11.56
C LEU C 199 16.45 -7.06 10.48
N LEU C 200 16.76 -7.32 9.21
CA LEU C 200 15.92 -6.81 8.10
C LEU C 200 14.49 -7.35 8.23
N HIS C 201 14.36 -8.68 8.38
CA HIS C 201 13.04 -9.35 8.51
C HIS C 201 12.21 -8.69 9.61
N ASP C 202 12.80 -8.58 10.81
CA ASP C 202 12.08 -8.00 11.94
C ASP C 202 11.79 -6.50 11.74
N SER C 203 12.72 -5.78 11.11
CA SER C 203 12.57 -4.35 10.92
C SER C 203 11.42 -4.07 9.92
N ILE C 204 11.29 -4.92 8.91
CA ILE C 204 10.14 -4.82 7.97
C ILE C 204 8.81 -4.88 8.74
N ILE C 205 8.67 -5.92 9.55
CA ILE C 205 7.45 -6.12 10.32
C ILE C 205 7.25 -4.97 11.31
N GLU C 206 8.32 -4.60 12.01
CA GLU C 206 8.19 -3.52 13.00
C GLU C 206 7.79 -2.17 12.46
N ILE C 207 8.45 -1.72 11.39
CA ILE C 207 8.17 -0.44 10.77
C ILE C 207 6.71 -0.41 10.26
N LEU C 208 6.31 -1.47 9.56
CA LEU C 208 4.98 -1.46 8.91
C LEU C 208 3.89 -1.55 9.96
N GLN C 209 4.12 -2.36 11.00
CA GLN C 209 3.13 -2.47 12.10
C GLN C 209 3.04 -1.18 12.93
N LYS C 210 4.17 -0.51 13.18
CA LYS C 210 4.17 0.81 13.82
C LYS C 210 3.43 1.85 12.96
N ALA C 211 3.73 1.87 11.66
CA ALA C 211 3.06 2.77 10.73
C ALA C 211 1.51 2.59 10.76
N ILE C 212 1.08 1.34 10.76
CA ILE C 212 -0.35 1.00 10.86
C ILE C 212 -0.95 1.55 12.16
N LYS C 213 -0.28 1.25 13.27
CA LYS C 213 -0.74 1.69 14.59
C LYS C 213 -0.86 3.21 14.62
N LEU C 214 0.06 3.91 13.94
CA LEU C 214 0.00 5.36 13.88
C LEU C 214 -0.91 5.96 12.77
N GLY C 215 -1.67 5.10 12.07
CA GLY C 215 -2.63 5.58 11.06
C GLY C 215 -1.98 6.03 9.75
N GLY C 216 -0.80 5.47 9.45
CA GLY C 216 -0.06 5.81 8.24
C GLY C 216 0.74 7.09 8.34
N SER C 217 1.53 7.32 7.31
CA SER C 217 2.23 8.58 7.13
C SER C 217 1.39 9.42 6.19
N SER C 218 0.81 10.50 6.69
CA SER C 218 0.00 11.38 5.84
C SER C 218 0.88 12.52 5.46
N ILE C 219 1.24 12.54 4.19
CA ILE C 219 2.09 13.54 3.61
C ILE C 219 1.20 14.37 2.65
N ARG C 220 1.09 15.67 2.92
CA ARG C 220 0.02 16.50 2.32
C ARG C 220 -1.39 15.99 2.71
N SER C 223 -7.72 16.50 2.67
CA SER C 223 -8.52 15.65 3.56
C SER C 223 -9.42 14.62 2.80
N ALA C 224 -9.00 13.37 2.99
CA ALA C 224 -9.57 12.20 2.40
C ALA C 224 -9.43 11.20 3.56
N LEU C 225 -9.97 10.00 3.43
CA LEU C 225 -9.72 8.95 4.41
C LEU C 225 -8.21 8.71 4.57
N GLY C 226 -7.81 8.44 5.83
CA GLY C 226 -6.41 8.20 6.18
C GLY C 226 -5.51 9.43 6.18
N SER C 227 -6.09 10.62 6.27
CA SER C 227 -5.30 11.85 6.33
C SER C 227 -4.93 12.24 7.78
N THR C 228 -5.33 11.46 8.77
CA THR C 228 -5.02 11.81 10.17
C THR C 228 -3.83 11.03 10.74
N GLY C 229 -3.00 10.47 9.86
CA GLY C 229 -1.84 9.68 10.28
C GLY C 229 -0.76 10.49 10.99
N LYS C 230 0.09 9.80 11.74
CA LYS C 230 1.17 10.44 12.49
C LYS C 230 2.54 9.79 12.23
N MET C 231 2.58 8.75 11.39
CA MET C 231 3.85 8.10 11.10
C MET C 231 4.86 9.04 10.42
N GLN C 232 4.38 10.04 9.68
CA GLN C 232 5.30 10.99 9.01
C GLN C 232 6.28 11.68 9.99
N ASN C 233 5.85 11.80 11.24
CA ASN C 233 6.64 12.41 12.32
C ASN C 233 7.70 11.47 12.85
N GLU C 234 7.66 10.21 12.41
CA GLU C 234 8.60 9.18 12.88
C GLU C 234 9.61 8.78 11.79
N LEU C 235 9.49 9.38 10.61
CA LEU C 235 10.40 9.05 9.48
C LEU C 235 11.84 9.51 9.76
N GLN C 236 12.81 8.63 9.54
CA GLN C 236 14.20 8.89 9.92
C GLN C 236 15.02 9.33 8.73
N VAL C 237 14.60 8.91 7.52
CA VAL C 237 15.40 9.19 6.33
C VAL C 237 14.63 9.72 5.11
N TYR C 238 13.43 9.17 4.87
CA TYR C 238 12.73 9.51 3.63
C TYR C 238 12.43 11.02 3.64
N GLY C 239 12.87 11.68 2.57
CA GLY C 239 12.67 13.11 2.41
C GLY C 239 13.52 13.93 3.37
N LYS C 240 14.53 13.32 4.01
CA LYS C 240 15.30 14.01 5.06
C LYS C 240 16.71 14.40 4.59
N THR C 241 16.90 14.45 3.27
CA THR C 241 18.19 14.79 2.67
C THR C 241 18.77 16.04 3.33
N GLY C 242 20.02 15.96 3.78
CA GLY C 242 20.71 17.11 4.38
C GLY C 242 20.51 17.24 5.87
N GLU C 243 19.51 16.55 6.41
CA GLU C 243 19.28 16.54 7.83
C GLU C 243 20.22 15.51 8.45
N LYS C 244 20.31 15.51 9.79
CA LYS C 244 21.23 14.58 10.45
C LYS C 244 20.60 13.27 10.81
N CYS C 245 21.34 12.18 10.58
CA CYS C 245 20.94 10.85 11.08
C CYS C 245 20.78 10.90 12.60
N SER C 246 19.65 10.41 13.10
CA SER C 246 19.36 10.43 14.52
C SER C 246 20.19 9.47 15.36
N ARG C 247 20.82 8.49 14.72
CA ARG C 247 21.71 7.56 15.41
C ARG C 247 23.14 8.09 15.49
N CYS C 248 23.69 8.59 14.39
CA CYS C 248 25.12 8.83 14.36
C CYS C 248 25.50 10.29 14.13
N GLY C 249 24.52 11.08 13.71
CA GLY C 249 24.74 12.46 13.31
C GLY C 249 25.26 12.78 11.94
N ALA C 250 25.59 11.79 11.08
CA ALA C 250 26.01 12.10 9.71
C ALA C 250 24.81 12.63 8.92
N GLU C 251 25.07 13.40 7.87
CA GLU C 251 24.02 13.90 6.98
C GLU C 251 23.40 12.80 6.12
N ILE C 252 22.07 12.76 6.14
CA ILE C 252 21.33 11.91 5.20
C ILE C 252 21.60 12.33 3.74
N GLN C 253 21.93 11.37 2.91
CA GLN C 253 22.19 11.61 1.51
C GLN C 253 21.04 11.04 0.67
N LYS C 254 20.89 11.57 -0.53
CA LYS C 254 19.94 11.07 -1.50
C LYS C 254 20.67 10.68 -2.76
N ILE C 255 20.46 9.44 -3.22
CA ILE C 255 20.98 8.95 -4.48
C ILE C 255 19.84 8.38 -5.34
N LYS C 256 20.16 7.90 -6.54
CA LYS C 256 19.17 7.23 -7.36
C LYS C 256 19.56 5.75 -7.43
N VAL C 257 18.62 4.87 -7.09
CA VAL C 257 18.87 3.43 -7.17
C VAL C 257 17.77 2.80 -8.03
N ALA C 258 18.14 2.17 -9.14
CA ALA C 258 17.16 1.56 -10.06
C ALA C 258 15.97 2.51 -10.35
N GLY C 259 16.32 3.75 -10.68
CA GLY C 259 15.34 4.79 -11.03
C GLY C 259 14.58 5.45 -9.89
N ARG C 260 14.85 5.07 -8.63
CA ARG C 260 14.08 5.66 -7.50
C ARG C 260 14.94 6.53 -6.58
N GLY C 261 14.37 7.64 -6.11
CA GLY C 261 15.02 8.51 -5.13
C GLY C 261 15.23 7.70 -3.85
N THR C 262 16.44 7.80 -3.30
CA THR C 262 16.83 6.85 -2.27
C THR C 262 17.59 7.60 -1.16
N HIS C 263 17.07 7.51 0.07
CA HIS C 263 17.53 8.31 1.20
C HIS C 263 18.20 7.36 2.19
N PHE C 264 19.44 7.69 2.56
CA PHE C 264 20.17 6.79 3.47
C PHE C 264 21.25 7.53 4.30
N CYS C 265 21.68 6.90 5.38
CA CYS C 265 22.83 7.38 6.15
C CYS C 265 24.05 6.57 5.69
N PRO C 266 25.07 7.28 5.14
CA PRO C 266 26.28 6.64 4.61
C PRO C 266 27.18 6.05 5.69
N VAL C 267 26.98 6.44 6.94
CA VAL C 267 27.71 5.82 8.08
C VAL C 267 27.03 4.52 8.58
N CYS C 268 25.73 4.61 8.85
CA CYS C 268 24.97 3.53 9.42
C CYS C 268 24.72 2.43 8.39
N GLN C 269 24.68 2.81 7.10
CA GLN C 269 24.40 1.88 6.02
C GLN C 269 25.61 1.77 5.09
N GLN C 270 26.60 0.97 5.50
CA GLN C 270 27.85 0.82 4.76
C GLN C 270 27.64 0.08 3.46
N LYS C 271 28.18 0.63 2.39
CA LYS C 271 28.11 0.07 1.05
C LYS C 271 28.77 -1.32 0.96
ZN ZN D . 23.75 7.24 10.78
C1 GOL E . -4.17 -4.16 -11.29
O1 GOL E . -4.26 -5.20 -12.24
C2 GOL E . -2.71 -3.76 -10.92
O2 GOL E . -1.99 -4.75 -10.23
C3 GOL E . -2.82 -2.70 -9.83
O3 GOL E . -3.18 -1.48 -10.41
#